data_3BNI
#
_entry.id   3BNI
#
_cell.length_a   46.091
_cell.length_b   66.354
_cell.length_c   125.083
_cell.angle_alpha   90.000
_cell.angle_beta   90.000
_cell.angle_gamma   90.000
#
_symmetry.space_group_name_H-M   'P 21 21 21'
#
loop_
_entity.id
_entity.type
_entity.pdbx_description
1 polymer 'Putative TetR-family transcriptional regulator'
2 non-polymer 'TETRAETHYLENE GLYCOL'
3 water water
#
_entity_poly.entity_id   1
_entity_poly.type   'polypeptide(L)'
_entity_poly.pdbx_seq_one_letter_code
;MGSSHHHHHHSSGRENLYFQGHMRTVSHPTPLRRAPVQRRSAERLTRILDACADLLDEVGYDALSTRAVALRADVPIGSV
YRFFGNKRQMADALAQRNLERYAERVTERLTEAGDGGWRGALDTVLDEYLAMKRTAPGFSLIDFGNQIPVGDRHAVPNHR
VAERLTELLSGYLGRRPDDDLRRVFLVAVETADTLVQLAFRVAPDGDEKIIEEARELLRAYLGRVLDGS
;
_entity_poly.pdbx_strand_id   A,B
#
# COMPACT_ATOMS: atom_id res chain seq x y z
N ARG A 40 33.27 17.90 -11.75
CA ARG A 40 32.57 17.97 -13.08
C ARG A 40 31.94 16.65 -13.45
N SER A 41 32.61 15.57 -13.07
CA SER A 41 32.00 14.27 -13.08
C SER A 41 30.69 14.32 -12.27
N ALA A 42 30.71 15.02 -11.11
CA ALA A 42 29.55 15.19 -10.22
C ALA A 42 28.51 16.13 -10.83
N GLU A 43 28.99 17.09 -11.62
CA GLU A 43 28.13 18.04 -12.34
C GLU A 43 27.30 17.33 -13.42
N ARG A 44 27.93 16.38 -14.11
CA ARG A 44 27.28 15.54 -15.14
C ARG A 44 26.25 14.57 -14.56
N LEU A 45 26.60 13.97 -13.43
CA LEU A 45 25.72 13.07 -12.71
C LEU A 45 24.41 13.76 -12.29
N THR A 46 24.53 14.97 -11.73
CA THR A 46 23.39 15.78 -11.38
C THR A 46 22.48 15.92 -12.59
N ARG A 47 23.07 16.31 -13.72
CA ARG A 47 22.35 16.56 -14.94
C ARG A 47 21.72 15.32 -15.56
N ILE A 48 22.43 14.20 -15.47
CA ILE A 48 21.94 12.91 -15.93
C ILE A 48 20.69 12.55 -15.13
N LEU A 49 20.78 12.70 -13.81
CA LEU A 49 19.69 12.39 -12.90
C LEU A 49 18.45 13.33 -13.06
N ASP A 50 18.72 14.62 -13.21
CA ASP A 50 17.67 15.59 -13.60
C ASP A 50 16.97 15.22 -14.92
N ALA A 51 17.74 14.82 -15.94
CA ALA A 51 17.14 14.47 -17.24
C ALA A 51 16.36 13.19 -17.11
N CYS A 52 16.93 12.23 -16.39
CA CYS A 52 16.24 11.01 -16.06
C CYS A 52 14.92 11.30 -15.31
N ALA A 53 14.95 12.22 -14.34
CA ALA A 53 13.70 12.60 -13.62
C ALA A 53 12.58 13.16 -14.55
N ASP A 54 12.99 14.11 -15.40
CA ASP A 54 12.15 14.76 -16.41
C ASP A 54 11.61 13.77 -17.43
N LEU A 55 12.47 12.92 -17.96
CA LEU A 55 12.05 11.88 -18.89
C LEU A 55 11.02 10.92 -18.28
N LEU A 56 11.20 10.56 -17.02
CA LEU A 56 10.21 9.72 -16.32
C LEU A 56 8.78 10.29 -16.41
N ASP A 57 8.63 11.59 -16.19
CA ASP A 57 7.33 12.26 -16.27
C ASP A 57 6.79 12.34 -17.68
N GLU A 58 7.68 12.41 -18.66
CA GLU A 58 7.25 12.53 -20.05
C GLU A 58 6.87 11.21 -20.72
N VAL A 59 7.72 10.21 -20.63
CA VAL A 59 7.50 8.97 -21.39
C VAL A 59 7.35 7.73 -20.51
N GLY A 60 7.73 7.87 -19.23
CA GLY A 60 7.63 6.77 -18.27
C GLY A 60 8.84 5.85 -18.25
N TYR A 61 8.78 4.86 -17.35
CA TYR A 61 9.92 3.99 -17.07
C TYR A 61 10.32 3.03 -18.18
N ASP A 62 9.35 2.51 -18.93
CA ASP A 62 9.63 1.49 -19.94
C ASP A 62 10.23 2.10 -21.19
N ALA A 63 9.72 3.29 -21.55
CA ALA A 63 10.14 4.01 -22.75
C ALA A 63 11.51 4.69 -22.57
N LEU A 64 11.79 5.05 -21.32
CA LEU A 64 13.06 5.59 -20.88
C LEU A 64 14.23 4.81 -21.47
N SER A 65 15.22 5.54 -21.96
CA SER A 65 16.44 4.89 -22.38
C SER A 65 17.63 5.76 -22.02
N THR A 66 18.79 5.13 -21.98
CA THR A 66 20.00 5.77 -21.54
C THR A 66 20.44 6.84 -22.57
N ARG A 67 20.33 6.56 -23.87
CA ARG A 67 20.65 7.59 -24.88
C ARG A 67 19.77 8.86 -24.79
N ALA A 68 18.45 8.69 -24.69
CA ALA A 68 17.55 9.82 -24.54
C ALA A 68 17.92 10.71 -23.35
N VAL A 69 18.34 10.08 -22.25
CA VAL A 69 18.72 10.78 -21.03
C VAL A 69 19.96 11.63 -21.33
N ALA A 70 21.00 10.97 -21.86
CA ALA A 70 22.21 11.69 -22.28
C ALA A 70 21.93 12.86 -23.23
N LEU A 71 21.07 12.70 -24.23
CA LEU A 71 20.76 13.80 -25.15
C LEU A 71 20.04 14.94 -24.46
N ARG A 72 19.03 14.60 -23.67
CA ARG A 72 18.31 15.57 -22.89
C ARG A 72 19.24 16.30 -21.90
N ALA A 73 20.05 15.54 -21.17
CA ALA A 73 21.01 16.11 -20.19
C ALA A 73 22.10 16.92 -20.86
N ASP A 74 22.27 16.71 -22.16
CA ASP A 74 23.37 17.32 -22.89
C ASP A 74 24.70 16.83 -22.36
N VAL A 75 24.83 15.52 -22.25
CA VAL A 75 26.08 14.97 -21.73
C VAL A 75 26.59 14.00 -22.79
N PRO A 76 27.94 13.83 -22.90
CA PRO A 76 28.43 12.76 -23.78
C PRO A 76 27.76 11.43 -23.40
N ILE A 77 27.19 10.74 -24.39
CA ILE A 77 26.47 9.50 -24.13
C ILE A 77 27.35 8.50 -23.36
N GLY A 78 28.65 8.53 -23.61
CA GLY A 78 29.60 7.67 -22.93
C GLY A 78 29.63 7.81 -21.42
N SER A 79 29.46 9.05 -20.94
CA SER A 79 29.31 9.36 -19.50
C SER A 79 28.23 8.54 -18.80
N VAL A 80 27.03 8.56 -19.36
CA VAL A 80 25.92 7.78 -18.86
C VAL A 80 26.21 6.28 -18.80
N TYR A 81 26.70 5.69 -19.91
CA TYR A 81 27.07 4.26 -19.89
C TYR A 81 28.18 3.99 -18.85
N ARG A 82 29.07 4.96 -18.66
CA ARG A 82 30.14 4.85 -17.66
C ARG A 82 29.59 4.85 -16.23
N PHE A 83 28.72 5.82 -15.94
CA PHE A 83 28.02 5.91 -14.65
C PHE A 83 27.12 4.72 -14.35
N PHE A 84 26.23 4.36 -15.27
CA PHE A 84 25.22 3.34 -14.96
C PHE A 84 25.26 2.12 -15.87
N GLY A 85 25.07 0.95 -15.25
CA GLY A 85 25.09 -0.33 -15.99
C GLY A 85 23.84 -0.45 -16.83
N ASN A 86 22.69 -0.31 -16.16
CA ASN A 86 21.39 -0.28 -16.83
C ASN A 86 20.53 0.93 -16.43
N LYS A 87 19.31 0.94 -16.97
CA LYS A 87 18.32 1.96 -16.62
C LYS A 87 17.99 1.86 -15.14
N ARG A 88 17.75 0.63 -14.66
CA ARG A 88 17.41 0.38 -13.24
C ARG A 88 18.41 1.05 -12.26
N GLN A 89 19.70 0.93 -12.52
CA GLN A 89 20.75 1.56 -11.69
C GLN A 89 20.61 3.07 -11.58
N MET A 90 20.30 3.72 -12.72
CA MET A 90 20.10 5.17 -12.86
C MET A 90 18.89 5.57 -12.05
N ALA A 91 17.85 4.73 -12.12
CA ALA A 91 16.60 4.95 -11.40
C ALA A 91 16.80 4.85 -9.90
N ASP A 92 17.70 3.96 -9.47
CA ASP A 92 18.06 3.77 -8.05
C ASP A 92 18.82 4.97 -7.49
N ALA A 93 19.73 5.50 -8.30
CA ALA A 93 20.52 6.69 -7.93
C ALA A 93 19.58 7.88 -7.78
N LEU A 94 18.56 7.94 -8.64
CA LEU A 94 17.57 9.03 -8.60
C LEU A 94 16.74 8.91 -7.34
N ALA A 95 16.23 7.71 -7.09
CA ALA A 95 15.50 7.39 -5.86
C ALA A 95 16.31 7.73 -4.62
N GLN A 96 17.59 7.31 -4.59
CA GLN A 96 18.48 7.62 -3.50
C GLN A 96 18.62 9.14 -3.33
N ARG A 97 18.76 9.86 -4.43
CA ARG A 97 18.88 11.31 -4.37
C ARG A 97 17.56 11.94 -3.88
N ASN A 98 16.44 11.38 -4.29
CA ASN A 98 15.11 11.86 -3.77
C ASN A 98 15.05 11.80 -2.27
N LEU A 99 15.54 10.70 -1.70
CA LEU A 99 15.49 10.47 -0.26
C LEU A 99 16.41 11.41 0.51
N GLU A 100 17.60 11.67 -0.02
CA GLU A 100 18.47 12.62 0.67
C GLU A 100 17.85 14.04 0.69
N ARG A 101 17.28 14.44 -0.44
CA ARG A 101 16.66 15.72 -0.58
C ARG A 101 15.48 15.87 0.36
N TYR A 102 14.65 14.82 0.46
CA TYR A 102 13.52 14.81 1.35
C TYR A 102 14.01 14.93 2.77
N ALA A 103 14.98 14.08 3.14
CA ALA A 103 15.62 14.14 4.49
C ALA A 103 16.21 15.52 4.82
N GLU A 104 16.89 16.17 3.86
CA GLU A 104 17.38 17.53 4.08
C GLU A 104 16.21 18.51 4.29
N ARG A 105 15.19 18.42 3.43
CA ARG A 105 14.01 19.30 3.52
C ARG A 105 13.33 19.23 4.88
N VAL A 106 13.02 18.01 5.31
CA VAL A 106 12.44 17.74 6.60
C VAL A 106 13.37 18.22 7.74
N THR A 107 14.66 17.83 7.72
CA THR A 107 15.59 18.27 8.75
C THR A 107 15.60 19.80 8.90
N GLU A 108 15.65 20.53 7.77
CA GLU A 108 15.57 21.99 7.80
C GLU A 108 14.22 22.66 8.18
N ARG A 109 13.09 22.05 7.84
CA ARG A 109 11.78 22.53 8.35
C ARG A 109 11.65 22.35 9.88
N LEU A 110 12.00 21.16 10.36
CA LEU A 110 12.02 20.88 11.78
C LEU A 110 12.98 21.79 12.53
N THR A 111 14.22 21.96 12.02
CA THR A 111 15.17 22.93 12.59
C THR A 111 14.66 24.37 12.65
N GLU A 112 14.03 24.86 11.58
CA GLU A 112 13.64 26.26 11.58
C GLU A 112 12.38 26.61 12.37
N ALA A 113 11.39 25.73 12.34
CA ALA A 113 10.10 26.06 12.87
C ALA A 113 9.54 24.97 13.76
N GLY A 114 10.27 23.88 13.98
CA GLY A 114 9.76 22.81 14.83
C GLY A 114 9.67 23.24 16.28
N ASP A 115 8.68 22.73 17.02
CA ASP A 115 8.54 23.05 18.43
C ASP A 115 8.84 21.83 19.33
N GLY A 116 9.42 20.77 18.76
CA GLY A 116 9.66 19.51 19.51
C GLY A 116 8.48 18.52 19.53
N GLY A 117 7.32 18.93 19.00
CA GLY A 117 6.06 18.14 19.11
C GLY A 117 5.81 17.22 17.93
N TRP A 118 5.14 16.10 18.17
CA TRP A 118 4.88 15.18 17.06
C TRP A 118 3.88 15.66 15.98
N ARG A 119 2.89 16.49 16.34
CA ARG A 119 1.92 17.05 15.34
C ARG A 119 2.59 17.85 14.22
N GLY A 120 3.43 18.80 14.59
CA GLY A 120 4.23 19.52 13.59
C GLY A 120 5.18 18.60 12.87
N ALA A 121 5.84 17.69 13.57
CA ALA A 121 6.77 16.73 12.96
C ALA A 121 6.08 15.90 11.86
N LEU A 122 4.92 15.35 12.22
CA LEU A 122 3.97 14.67 11.28
C LEU A 122 3.52 15.53 10.12
N ASP A 123 3.13 16.78 10.37
CA ASP A 123 2.75 17.67 9.25
C ASP A 123 3.92 17.94 8.29
N THR A 124 5.12 18.06 8.84
CA THR A 124 6.32 18.34 8.07
C THR A 124 6.69 17.16 7.16
N VAL A 125 6.75 15.95 7.67
CA VAL A 125 7.12 14.82 6.88
C VAL A 125 6.08 14.54 5.84
N LEU A 126 4.82 14.53 6.21
CA LEU A 126 3.75 14.31 5.28
C LEU A 126 3.65 15.39 4.20
N ASP A 127 3.67 16.67 4.60
CA ASP A 127 3.56 17.81 3.64
C ASP A 127 4.74 17.92 2.69
N GLU A 128 5.93 17.68 3.18
CA GLU A 128 7.10 17.69 2.29
C GLU A 128 7.07 16.53 1.31
N TYR A 129 6.54 15.38 1.76
CA TYR A 129 6.39 14.25 0.89
C TYR A 129 5.29 14.52 -0.15
N LEU A 130 4.17 15.13 0.29
CA LEU A 130 3.13 15.53 -0.65
C LEU A 130 3.63 16.53 -1.70
N ALA A 131 4.42 17.52 -1.28
CA ALA A 131 5.00 18.52 -2.17
C ALA A 131 5.92 17.91 -3.20
N MET A 132 6.83 17.03 -2.77
CA MET A 132 7.64 16.26 -3.70
C MET A 132 6.79 15.42 -4.68
N LYS A 133 5.85 14.69 -4.15
CA LYS A 133 4.89 13.92 -4.93
C LYS A 133 4.29 14.77 -6.06
N ARG A 134 3.96 16.01 -5.79
CA ARG A 134 3.32 16.89 -6.76
C ARG A 134 4.31 17.69 -7.62
N THR A 135 5.50 17.91 -7.08
CA THR A 135 6.38 19.01 -7.54
C THR A 135 7.76 18.51 -7.98
N ALA A 136 8.20 17.37 -7.45
CA ALA A 136 9.52 16.83 -7.75
C ALA A 136 9.48 15.91 -8.97
N PRO A 137 10.28 16.21 -10.01
CA PRO A 137 10.21 15.47 -11.29
C PRO A 137 10.46 13.96 -11.16
N GLY A 138 9.60 13.21 -11.84
CA GLY A 138 9.63 11.77 -11.90
C GLY A 138 9.20 11.11 -10.61
N PHE A 139 8.62 11.87 -9.69
CA PHE A 139 8.46 11.40 -8.31
C PHE A 139 7.28 10.41 -8.11
N SER A 140 6.27 10.54 -8.96
CA SER A 140 5.17 9.57 -9.03
C SER A 140 5.63 8.19 -9.51
N LEU A 141 6.57 8.16 -10.47
CA LEU A 141 7.19 6.93 -10.97
C LEU A 141 8.30 6.40 -10.07
N ILE A 142 9.20 7.28 -9.66
CA ILE A 142 10.33 6.91 -8.82
C ILE A 142 10.26 7.78 -7.59
N ASP A 143 10.04 7.09 -6.49
CA ASP A 143 9.78 7.55 -5.17
C ASP A 143 11.13 7.63 -4.43
N PHE A 144 11.21 6.78 -3.40
CA PHE A 144 12.45 6.53 -2.73
C PHE A 144 12.99 5.17 -3.11
N GLY A 145 12.33 4.52 -4.07
CA GLY A 145 12.69 3.19 -4.54
C GLY A 145 11.59 2.20 -4.25
N ARG A 160 13.76 1.16 5.06
CA ARG A 160 14.78 2.06 4.49
C ARG A 160 14.35 3.51 4.74
N VAL A 161 13.15 3.84 4.31
CA VAL A 161 12.56 5.16 4.50
C VAL A 161 12.12 5.32 5.96
N ALA A 162 11.57 4.24 6.51
CA ALA A 162 11.06 4.16 7.85
C ALA A 162 12.21 4.26 8.86
N GLU A 163 13.32 3.64 8.48
CA GLU A 163 14.60 3.68 9.20
C GLU A 163 15.14 5.09 9.21
N ARG A 164 15.28 5.68 8.03
CA ARG A 164 15.78 7.04 7.92
C ARG A 164 14.90 8.02 8.70
N LEU A 165 13.58 7.89 8.56
CA LEU A 165 12.63 8.69 9.32
C LEU A 165 12.63 8.39 10.79
N THR A 166 12.76 7.12 11.18
CA THR A 166 12.90 6.80 12.60
C THR A 166 14.09 7.54 13.20
N GLU A 167 15.26 7.46 12.56
CA GLU A 167 16.44 8.17 13.05
C GLU A 167 16.18 9.65 13.16
N LEU A 168 15.78 10.22 12.04
CA LEU A 168 15.57 11.64 11.92
C LEU A 168 14.62 12.07 13.04
N LEU A 169 13.43 11.47 13.09
CA LEU A 169 12.39 12.00 13.97
C LEU A 169 12.57 11.69 15.46
N SER A 170 13.15 10.54 15.77
CA SER A 170 13.28 10.19 17.17
C SER A 170 14.33 11.04 17.88
N GLY A 171 15.40 11.40 17.16
CA GLY A 171 16.31 12.42 17.62
C GLY A 171 15.55 13.71 17.92
N TYR A 172 14.85 14.21 16.91
CA TYR A 172 14.06 15.45 17.06
C TYR A 172 13.03 15.44 18.22
N LEU A 173 12.37 14.31 18.41
CA LEU A 173 11.27 14.26 19.38
C LEU A 173 11.71 13.97 20.79
N GLY A 174 13.00 13.70 20.97
CA GLY A 174 13.58 13.26 22.25
C GLY A 174 12.99 11.95 22.74
N ARG A 175 12.86 10.97 21.83
CA ARG A 175 12.33 9.64 22.13
C ARG A 175 13.32 8.54 21.78
N ARG A 176 13.38 7.52 22.63
CA ARG A 176 14.27 6.37 22.45
C ARG A 176 13.71 5.50 21.37
N PRO A 177 14.46 5.32 20.26
CA PRO A 177 14.03 4.35 19.24
C PRO A 177 14.21 2.86 19.67
N ASP A 178 13.38 2.37 20.58
CA ASP A 178 13.33 0.92 20.85
C ASP A 178 12.51 0.16 19.80
N ASP A 179 12.28 -1.13 20.01
CA ASP A 179 11.51 -1.93 19.06
C ASP A 179 10.12 -1.36 18.87
N ASP A 180 9.44 -1.08 19.98
CA ASP A 180 8.08 -0.56 19.96
C ASP A 180 7.95 0.66 19.06
N LEU A 181 8.87 1.60 19.21
CA LEU A 181 8.82 2.84 18.50
C LEU A 181 9.23 2.64 17.05
N ARG A 182 10.20 1.77 16.79
CA ARG A 182 10.58 1.41 15.42
C ARG A 182 9.39 0.75 14.71
N ARG A 183 8.64 -0.07 15.43
CA ARG A 183 7.41 -0.65 14.87
C ARG A 183 6.32 0.39 14.55
N VAL A 184 6.09 1.34 15.46
CA VAL A 184 5.12 2.40 15.31
C VAL A 184 5.41 3.19 14.03
N PHE A 185 6.69 3.48 13.80
CA PHE A 185 7.15 4.26 12.68
C PHE A 185 7.01 3.55 11.40
N LEU A 186 7.43 2.29 11.40
CA LEU A 186 7.24 1.41 10.25
C LEU A 186 5.74 1.33 9.86
N VAL A 187 4.89 1.08 10.86
CA VAL A 187 3.43 1.07 10.64
C VAL A 187 2.92 2.41 10.10
N ALA A 188 3.27 3.53 10.73
CA ALA A 188 2.90 4.86 10.23
C ALA A 188 3.36 5.15 8.81
N VAL A 189 4.62 4.83 8.51
CA VAL A 189 5.18 5.14 7.18
C VAL A 189 4.55 4.26 6.08
N GLU A 190 4.34 2.99 6.40
CA GLU A 190 3.68 2.09 5.45
C GLU A 190 2.25 2.52 5.21
N THR A 191 1.53 2.96 6.25
CA THR A 191 0.16 3.41 6.02
C THR A 191 0.04 4.75 5.30
N ALA A 192 0.93 5.68 5.61
CA ALA A 192 0.98 6.94 4.89
C ALA A 192 1.32 6.71 3.41
N ASP A 193 2.29 5.86 3.12
CA ASP A 193 2.58 5.52 1.73
C ASP A 193 1.32 5.00 1.00
N THR A 194 0.62 4.04 1.60
CA THR A 194 -0.54 3.42 0.95
C THR A 194 -1.68 4.43 0.78
N LEU A 195 -1.82 5.35 1.72
CA LEU A 195 -2.93 6.30 1.69
C LEU A 195 -2.64 7.41 0.75
N VAL A 196 -1.39 7.89 0.76
CA VAL A 196 -0.95 8.85 -0.30
C VAL A 196 -1.12 8.27 -1.73
N GLN A 197 -0.71 7.01 -1.94
CA GLN A 197 -0.89 6.33 -3.24
C GLN A 197 -2.37 6.26 -3.63
N LEU A 198 -3.20 5.82 -2.67
CA LEU A 198 -4.65 5.91 -2.79
C LEU A 198 -5.16 7.31 -3.24
N ALA A 199 -4.67 8.39 -2.59
CA ALA A 199 -5.19 9.73 -2.84
C ALA A 199 -4.93 10.14 -4.32
N PHE A 200 -3.78 9.70 -4.82
CA PHE A 200 -3.35 10.01 -6.17
C PHE A 200 -3.95 9.12 -7.21
N ARG A 201 -4.52 7.97 -6.81
CA ARG A 201 -5.25 7.16 -7.76
C ARG A 201 -6.64 7.75 -7.88
N VAL A 202 -7.14 8.29 -6.78
CA VAL A 202 -8.50 8.84 -6.69
C VAL A 202 -8.61 10.18 -7.43
N ALA A 203 -7.60 11.05 -7.29
CA ALA A 203 -7.48 12.27 -8.09
C ALA A 203 -6.02 12.54 -8.39
N PRO A 204 -5.69 12.92 -9.64
CA PRO A 204 -4.29 12.97 -10.14
C PRO A 204 -3.34 13.89 -9.37
N ASP A 205 -3.86 14.88 -8.65
CA ASP A 205 -3.00 15.78 -7.86
C ASP A 205 -3.10 15.42 -6.38
N GLY A 206 -3.75 14.29 -6.09
CA GLY A 206 -3.93 13.80 -4.74
C GLY A 206 -5.21 14.29 -4.11
N ASP A 207 -6.20 13.39 -4.00
CA ASP A 207 -7.48 13.76 -3.42
C ASP A 207 -7.27 14.29 -2.01
N GLU A 208 -7.73 15.52 -1.80
CA GLU A 208 -7.62 16.22 -0.52
C GLU A 208 -8.39 15.59 0.61
N LYS A 209 -9.57 15.04 0.34
CA LYS A 209 -10.28 14.36 1.41
C LYS A 209 -9.56 13.06 1.84
N ILE A 210 -9.02 12.29 0.91
CA ILE A 210 -8.23 11.12 1.30
C ILE A 210 -7.03 11.56 2.13
N ILE A 211 -6.30 12.57 1.67
CA ILE A 211 -5.17 13.11 2.39
C ILE A 211 -5.52 13.55 3.81
N GLU A 212 -6.60 14.32 3.94
CA GLU A 212 -7.13 14.69 5.25
C GLU A 212 -7.60 13.53 6.18
N GLU A 213 -8.28 12.53 5.62
CA GLU A 213 -8.44 11.24 6.33
C GLU A 213 -7.14 10.57 6.81
N ALA A 214 -6.11 10.51 5.97
CA ALA A 214 -4.80 9.99 6.36
C ALA A 214 -4.19 10.81 7.49
N ARG A 215 -4.29 12.11 7.41
CA ARG A 215 -3.75 12.98 8.45
C ARG A 215 -4.45 12.70 9.80
N GLU A 216 -5.78 12.65 9.77
CA GLU A 216 -6.59 12.32 10.93
C GLU A 216 -6.25 10.92 11.49
N LEU A 217 -6.26 9.92 10.60
CA LEU A 217 -5.84 8.56 10.93
C LEU A 217 -4.50 8.56 11.67
N LEU A 218 -3.46 9.15 11.06
CA LEU A 218 -2.12 9.15 11.67
C LEU A 218 -2.03 9.89 13.01
N ARG A 219 -2.71 11.02 13.12
CA ARG A 219 -2.83 11.74 14.40
C ARG A 219 -3.51 10.93 15.50
N ALA A 220 -4.61 10.24 15.18
CA ALA A 220 -5.29 9.39 16.15
C ALA A 220 -4.35 8.28 16.62
N TYR A 221 -3.68 7.65 15.69
CA TYR A 221 -2.77 6.54 16.01
C TYR A 221 -1.59 6.99 16.87
N LEU A 222 -0.90 8.03 16.43
CA LEU A 222 0.22 8.57 17.20
C LEU A 222 -0.25 9.13 18.52
N GLY A 223 -1.38 9.82 18.53
CA GLY A 223 -1.98 10.31 19.79
C GLY A 223 -2.23 9.16 20.75
N ARG A 224 -2.74 8.04 20.24
CA ARG A 224 -2.95 6.83 21.07
C ARG A 224 -1.63 6.18 21.54
N VAL A 225 -0.70 5.90 20.61
CA VAL A 225 0.45 5.03 20.94
C VAL A 225 1.71 5.71 21.46
N LEU A 226 1.86 7.00 21.20
CA LEU A 226 2.97 7.77 21.74
C LEU A 226 2.70 8.18 23.17
N ASP A 227 3.52 7.62 24.06
CA ASP A 227 3.51 7.84 25.50
C ASP A 227 4.09 9.23 25.81
N GLU B 43 -20.71 -27.06 -11.27
CA GLU B 43 -19.75 -28.15 -10.93
C GLU B 43 -18.36 -27.85 -11.47
N ARG B 44 -18.25 -27.73 -12.80
CA ARG B 44 -16.96 -27.48 -13.48
C ARG B 44 -16.37 -26.13 -13.16
N LEU B 45 -17.21 -25.10 -13.08
CA LEU B 45 -16.77 -23.78 -12.64
C LEU B 45 -16.11 -23.82 -11.25
N THR B 46 -16.78 -24.49 -10.30
CA THR B 46 -16.26 -24.64 -8.94
C THR B 46 -14.86 -25.25 -8.93
N ARG B 47 -14.70 -26.37 -9.60
CA ARG B 47 -13.43 -27.03 -9.56
C ARG B 47 -12.36 -26.25 -10.29
N ILE B 48 -12.75 -25.42 -11.25
CA ILE B 48 -11.80 -24.64 -11.99
C ILE B 48 -11.22 -23.60 -11.03
N LEU B 49 -12.11 -22.93 -10.30
CA LEU B 49 -11.67 -21.91 -9.30
C LEU B 49 -10.88 -22.52 -8.13
N ASP B 50 -11.31 -23.69 -7.63
CA ASP B 50 -10.51 -24.48 -6.64
C ASP B 50 -9.11 -24.73 -7.15
N ALA B 51 -9.00 -25.15 -8.40
CA ALA B 51 -7.70 -25.46 -8.99
C ALA B 51 -6.89 -24.17 -9.16
N CYS B 52 -7.53 -23.09 -9.62
CA CYS B 52 -6.88 -21.78 -9.73
C CYS B 52 -6.34 -21.27 -8.38
N ALA B 53 -7.17 -21.39 -7.34
CA ALA B 53 -6.76 -21.00 -5.97
C ALA B 53 -5.52 -21.78 -5.52
N ASP B 54 -5.51 -23.09 -5.70
CA ASP B 54 -4.37 -23.93 -5.25
C ASP B 54 -3.11 -23.61 -6.05
N LEU B 55 -3.24 -23.60 -7.37
CA LEU B 55 -2.12 -23.38 -8.25
C LEU B 55 -1.46 -22.03 -7.96
N LEU B 56 -2.26 -21.00 -7.74
CA LEU B 56 -1.76 -19.71 -7.25
C LEU B 56 -0.76 -19.97 -6.13
N ASP B 57 -1.23 -20.68 -5.11
CA ASP B 57 -0.40 -21.02 -3.93
C ASP B 57 0.83 -21.87 -4.23
N GLU B 58 0.74 -22.72 -5.25
CA GLU B 58 1.83 -23.62 -5.58
C GLU B 58 2.79 -23.01 -6.61
N VAL B 59 2.28 -22.19 -7.52
CA VAL B 59 3.10 -21.71 -8.64
C VAL B 59 3.27 -20.19 -8.74
N GLY B 60 2.42 -19.45 -8.02
CA GLY B 60 2.36 -17.98 -8.14
C GLY B 60 1.49 -17.51 -9.29
N TYR B 61 1.15 -16.21 -9.33
CA TYR B 61 0.22 -15.70 -10.35
C TYR B 61 0.71 -15.74 -11.81
N ASP B 62 1.90 -15.21 -12.11
CA ASP B 62 2.22 -15.17 -13.55
C ASP B 62 2.76 -16.47 -14.15
N ALA B 63 3.12 -17.42 -13.31
CA ALA B 63 3.43 -18.74 -13.78
C ALA B 63 2.15 -19.55 -13.96
N LEU B 64 1.07 -19.08 -13.34
CA LEU B 64 -0.24 -19.72 -13.45
C LEU B 64 -0.80 -19.60 -14.87
N SER B 65 -1.29 -20.72 -15.39
CA SER B 65 -1.79 -20.80 -16.75
C SER B 65 -3.11 -21.55 -16.81
N THR B 66 -3.93 -21.19 -17.78
CA THR B 66 -5.20 -21.81 -18.00
C THR B 66 -5.07 -23.33 -18.18
N ARG B 67 -4.01 -23.75 -18.89
CA ARG B 67 -3.70 -25.18 -19.14
C ARG B 67 -3.50 -25.96 -17.83
N ALA B 68 -2.66 -25.39 -16.96
CA ALA B 68 -2.34 -26.03 -15.68
C ALA B 68 -3.60 -26.14 -14.79
N VAL B 69 -4.48 -25.16 -14.86
CA VAL B 69 -5.70 -25.17 -14.06
C VAL B 69 -6.68 -26.23 -14.56
N ALA B 70 -6.86 -26.31 -15.87
CA ALA B 70 -7.68 -27.39 -16.48
C ALA B 70 -7.19 -28.79 -16.10
N LEU B 71 -5.88 -28.96 -16.18
CA LEU B 71 -5.23 -30.21 -15.82
C LEU B 71 -5.47 -30.57 -14.35
N ARG B 72 -5.22 -29.60 -13.47
CA ARG B 72 -5.52 -29.74 -12.04
C ARG B 72 -7.00 -29.97 -11.71
N ALA B 73 -7.86 -29.31 -12.48
CA ALA B 73 -9.30 -29.38 -12.27
C ALA B 73 -9.96 -30.62 -12.93
N ASP B 74 -9.19 -31.45 -13.63
CA ASP B 74 -9.78 -32.61 -14.34
C ASP B 74 -10.82 -32.19 -15.38
N VAL B 75 -10.58 -31.08 -16.05
CA VAL B 75 -11.49 -30.60 -17.09
C VAL B 75 -10.76 -30.35 -18.39
N PRO B 76 -11.43 -30.55 -19.55
CA PRO B 76 -10.77 -30.15 -20.79
C PRO B 76 -10.45 -28.66 -20.76
N ILE B 77 -9.32 -28.28 -21.36
CA ILE B 77 -8.86 -26.89 -21.47
C ILE B 77 -10.00 -26.01 -22.04
N GLY B 78 -10.76 -26.56 -22.99
CA GLY B 78 -11.86 -25.88 -23.65
C GLY B 78 -12.96 -25.44 -22.71
N SER B 79 -13.19 -26.22 -21.67
CA SER B 79 -14.18 -25.90 -20.65
C SER B 79 -13.82 -24.65 -19.89
N VAL B 80 -12.52 -24.40 -19.73
CA VAL B 80 -12.07 -23.20 -19.02
C VAL B 80 -12.41 -21.99 -19.87
N TYR B 81 -12.12 -22.07 -21.17
CA TYR B 81 -12.38 -20.99 -22.13
C TYR B 81 -13.88 -20.72 -22.36
N ARG B 82 -14.73 -21.70 -22.05
CA ARG B 82 -16.17 -21.48 -22.05
C ARG B 82 -16.64 -20.44 -20.99
N PHE B 83 -15.92 -20.34 -19.87
CA PHE B 83 -16.27 -19.40 -18.81
C PHE B 83 -15.47 -18.13 -18.82
N PHE B 84 -14.18 -18.25 -19.14
CA PHE B 84 -13.22 -17.17 -19.02
C PHE B 84 -12.42 -17.09 -20.28
N GLY B 85 -12.25 -15.90 -20.82
CA GLY B 85 -11.37 -15.76 -21.98
C GLY B 85 -9.91 -15.69 -21.62
N ASN B 86 -9.60 -15.49 -20.35
CA ASN B 86 -8.20 -15.35 -19.92
C ASN B 86 -7.98 -15.51 -18.41
N LYS B 87 -6.73 -15.75 -18.01
CA LYS B 87 -6.41 -15.97 -16.61
C LYS B 87 -6.83 -14.83 -15.65
N ARG B 88 -6.78 -13.59 -16.13
CA ARG B 88 -7.17 -12.41 -15.32
C ARG B 88 -8.69 -12.43 -14.95
N GLN B 89 -9.53 -12.79 -15.93
CA GLN B 89 -10.96 -13.03 -15.70
C GLN B 89 -11.18 -14.18 -14.77
N MET B 90 -10.43 -15.26 -15.00
CA MET B 90 -10.45 -16.45 -14.13
C MET B 90 -10.07 -16.05 -12.69
N ALA B 91 -8.96 -15.37 -12.52
CA ALA B 91 -8.51 -14.87 -11.21
C ALA B 91 -9.49 -13.85 -10.56
N ASP B 92 -10.14 -13.02 -11.35
CA ASP B 92 -11.13 -12.11 -10.79
C ASP B 92 -12.37 -12.86 -10.31
N ALA B 93 -12.78 -13.87 -11.08
CA ALA B 93 -13.87 -14.76 -10.71
C ALA B 93 -13.58 -15.40 -9.35
N LEU B 94 -12.37 -15.93 -9.18
CA LEU B 94 -11.96 -16.53 -7.91
C LEU B 94 -12.06 -15.51 -6.76
N ALA B 95 -11.57 -14.29 -7.03
CA ALA B 95 -11.58 -13.21 -6.07
C ALA B 95 -12.99 -12.84 -5.70
N GLN B 96 -13.90 -12.96 -6.68
CA GLN B 96 -15.30 -12.62 -6.44
C GLN B 96 -15.92 -13.67 -5.55
N ARG B 97 -15.49 -14.92 -5.74
CA ARG B 97 -15.94 -15.99 -4.85
C ARG B 97 -15.43 -15.85 -3.39
N ASN B 98 -14.12 -15.56 -3.27
CA ASN B 98 -13.51 -15.18 -2.00
C ASN B 98 -14.32 -14.16 -1.22
N LEU B 99 -14.70 -13.09 -1.90
CA LEU B 99 -15.42 -11.98 -1.32
C LEU B 99 -16.81 -12.41 -0.81
N GLU B 100 -17.50 -13.23 -1.61
CA GLU B 100 -18.82 -13.76 -1.22
C GLU B 100 -18.70 -14.60 0.02
N ARG B 101 -17.69 -15.48 0.04
CA ARG B 101 -17.42 -16.30 1.23
C ARG B 101 -17.07 -15.46 2.46
N TYR B 102 -16.17 -14.49 2.28
CA TYR B 102 -15.76 -13.60 3.34
C TYR B 102 -16.98 -12.89 3.92
N ALA B 103 -17.80 -12.30 3.05
CA ALA B 103 -18.99 -11.57 3.44
C ALA B 103 -20.00 -12.46 4.18
N GLU B 104 -20.16 -13.72 3.75
CA GLU B 104 -21.06 -14.63 4.44
C GLU B 104 -20.53 -15.07 5.81
N ARG B 105 -19.23 -15.24 5.93
CA ARG B 105 -18.60 -15.53 7.21
C ARG B 105 -18.72 -14.36 8.19
N VAL B 106 -18.48 -13.16 7.68
CA VAL B 106 -18.62 -11.94 8.47
C VAL B 106 -20.05 -11.78 8.95
N THR B 107 -21.01 -11.89 8.03
CA THR B 107 -22.45 -11.76 8.34
C THR B 107 -22.90 -12.80 9.36
N GLU B 108 -22.48 -14.05 9.18
CA GLU B 108 -22.80 -15.10 10.14
C GLU B 108 -22.22 -14.84 11.54
N ARG B 109 -20.95 -14.42 11.59
CA ARG B 109 -20.29 -14.11 12.84
C ARG B 109 -20.98 -12.94 13.54
N LEU B 110 -21.28 -11.89 12.78
CA LEU B 110 -22.01 -10.75 13.33
C LEU B 110 -23.46 -11.09 13.77
N THR B 111 -24.18 -11.92 13.01
CA THR B 111 -25.53 -12.28 13.42
C THR B 111 -25.48 -13.16 14.65
N GLU B 112 -24.56 -14.14 14.70
CA GLU B 112 -24.45 -15.00 15.89
C GLU B 112 -24.10 -14.30 17.22
N ALA B 113 -23.13 -13.39 17.20
CA ALA B 113 -22.57 -12.83 18.44
C ALA B 113 -22.30 -11.31 18.39
N GLY B 114 -22.77 -10.65 17.35
CA GLY B 114 -22.62 -9.22 17.29
C GLY B 114 -23.53 -8.46 18.21
N ASP B 115 -23.02 -7.32 18.73
CA ASP B 115 -23.76 -6.48 19.69
C ASP B 115 -24.09 -5.10 19.14
N GLY B 116 -23.81 -4.88 17.85
CA GLY B 116 -24.18 -3.65 17.19
C GLY B 116 -23.07 -2.62 17.22
N GLY B 117 -21.96 -2.93 17.90
CA GLY B 117 -20.87 -1.95 18.14
C GLY B 117 -19.75 -2.01 17.12
N TRP B 118 -19.04 -0.90 16.90
CA TRP B 118 -18.02 -0.91 15.87
C TRP B 118 -16.76 -1.75 16.22
N ARG B 119 -16.52 -2.00 17.49
CA ARG B 119 -15.32 -2.75 17.92
C ARG B 119 -15.38 -4.26 17.60
N GLY B 120 -16.53 -4.88 17.83
CA GLY B 120 -16.70 -6.27 17.47
C GLY B 120 -16.78 -6.45 15.97
N ALA B 121 -17.35 -5.47 15.28
CA ALA B 121 -17.40 -5.50 13.79
C ALA B 121 -15.97 -5.42 13.22
N LEU B 122 -15.17 -4.51 13.76
CA LEU B 122 -13.76 -4.38 13.34
C LEU B 122 -13.00 -5.66 13.58
N ASP B 123 -13.15 -6.20 14.79
CA ASP B 123 -12.54 -7.49 15.14
C ASP B 123 -12.93 -8.63 14.21
N THR B 124 -14.22 -8.80 13.97
CA THR B 124 -14.77 -9.83 13.08
C THR B 124 -14.24 -9.68 11.65
N VAL B 125 -14.42 -8.47 11.13
CA VAL B 125 -14.01 -8.14 9.82
C VAL B 125 -12.49 -8.39 9.67
N LEU B 126 -11.70 -7.95 10.62
CA LEU B 126 -10.27 -8.18 10.56
C LEU B 126 -9.82 -9.65 10.81
N ASP B 127 -10.38 -10.27 11.85
CA ASP B 127 -10.08 -11.68 12.17
C ASP B 127 -10.48 -12.71 11.09
N GLU B 128 -11.61 -12.46 10.41
CA GLU B 128 -12.06 -13.35 9.34
C GLU B 128 -11.17 -13.23 8.10
N TYR B 129 -10.66 -12.03 7.87
CA TYR B 129 -9.77 -11.80 6.78
C TYR B 129 -8.45 -12.49 7.04
N LEU B 130 -7.96 -12.36 8.27
CA LEU B 130 -6.72 -13.02 8.70
C LEU B 130 -6.84 -14.53 8.70
N ALA B 131 -8.01 -15.06 9.09
CA ALA B 131 -8.21 -16.54 9.04
C ALA B 131 -8.09 -17.00 7.58
N MET B 132 -8.66 -16.23 6.67
CA MET B 132 -8.61 -16.56 5.24
C MET B 132 -7.23 -16.44 4.64
N LYS B 133 -6.50 -15.38 4.99
CA LYS B 133 -5.11 -15.27 4.56
C LYS B 133 -4.35 -16.54 4.95
N ARG B 134 -4.55 -17.07 6.15
CA ARG B 134 -3.84 -18.28 6.59
C ARG B 134 -4.40 -19.60 6.04
N THR B 135 -5.71 -19.66 5.88
CA THR B 135 -6.39 -20.92 5.58
C THR B 135 -6.96 -21.03 4.16
N ALA B 136 -7.40 -19.93 3.57
CA ALA B 136 -8.04 -20.01 2.26
C ALA B 136 -7.00 -20.15 1.10
N PRO B 137 -7.20 -21.17 0.24
CA PRO B 137 -6.33 -21.37 -0.93
C PRO B 137 -6.26 -20.15 -1.88
N GLY B 138 -5.03 -19.73 -2.18
CA GLY B 138 -4.72 -18.68 -3.16
C GLY B 138 -4.85 -17.26 -2.63
N PHE B 139 -5.47 -17.14 -1.44
CA PHE B 139 -5.92 -15.88 -0.84
C PHE B 139 -4.76 -14.90 -0.56
N SER B 140 -3.58 -15.44 -0.30
CA SER B 140 -2.34 -14.65 -0.16
C SER B 140 -1.88 -13.94 -1.46
N LEU B 141 -2.15 -14.58 -2.59
CA LEU B 141 -1.72 -14.15 -3.95
C LEU B 141 -2.90 -13.52 -4.74
N ILE B 142 -4.12 -14.01 -4.56
CA ILE B 142 -5.29 -13.19 -4.91
C ILE B 142 -6.32 -13.26 -3.80
N ASP B 143 -6.65 -12.11 -3.23
CA ASP B 143 -7.64 -12.11 -2.17
C ASP B 143 -8.96 -11.60 -2.71
N PHE B 144 -9.16 -10.29 -2.71
CA PHE B 144 -10.43 -9.68 -3.14
C PHE B 144 -10.52 -9.02 -4.51
N GLY B 145 -9.42 -9.02 -5.28
CA GLY B 145 -9.48 -8.69 -6.72
C GLY B 145 -9.35 -7.20 -7.00
N HIS B 159 -12.08 -0.23 -3.18
CA HIS B 159 -13.44 0.09 -3.62
C HIS B 159 -14.41 -1.10 -3.56
N ARG B 160 -14.14 -2.20 -4.28
CA ARG B 160 -15.05 -3.35 -4.25
C ARG B 160 -15.26 -3.92 -2.85
N VAL B 161 -14.15 -4.09 -2.11
CA VAL B 161 -14.17 -4.52 -0.70
C VAL B 161 -14.82 -3.46 0.19
N ALA B 162 -14.41 -2.21 0.01
CA ALA B 162 -14.89 -1.11 0.81
C ALA B 162 -16.40 -0.86 0.63
N GLU B 163 -16.85 -0.92 -0.62
CA GLU B 163 -18.27 -0.79 -0.99
C GLU B 163 -19.10 -1.89 -0.40
N ARG B 164 -18.53 -3.10 -0.36
CA ARG B 164 -19.21 -4.30 0.14
C ARG B 164 -19.34 -4.20 1.64
N LEU B 165 -18.24 -3.91 2.29
CA LEU B 165 -18.27 -3.66 3.73
C LEU B 165 -19.22 -2.52 4.10
N THR B 166 -19.28 -1.47 3.27
CA THR B 166 -20.21 -0.37 3.60
C THR B 166 -21.64 -0.88 3.63
N GLU B 167 -22.00 -1.66 2.61
CA GLU B 167 -23.33 -2.28 2.52
C GLU B 167 -23.58 -3.24 3.67
N LEU B 168 -22.60 -4.09 3.95
CA LEU B 168 -22.73 -5.09 4.99
C LEU B 168 -22.81 -4.47 6.39
N LEU B 169 -22.03 -3.41 6.61
CA LEU B 169 -21.90 -2.90 7.96
C LEU B 169 -22.69 -1.65 8.30
N SER B 170 -23.13 -0.87 7.30
CA SER B 170 -23.72 0.43 7.61
C SER B 170 -25.05 0.30 8.35
N GLY B 171 -25.90 -0.64 7.92
CA GLY B 171 -27.18 -0.86 8.60
C GLY B 171 -26.92 -1.45 9.97
N TYR B 172 -25.96 -2.38 10.05
CA TYR B 172 -25.63 -3.09 11.28
C TYR B 172 -25.23 -2.13 12.38
N LEU B 173 -24.41 -1.13 12.01
CA LEU B 173 -23.90 -0.11 12.92
C LEU B 173 -24.80 1.10 13.12
N GLY B 174 -25.89 1.24 12.36
CA GLY B 174 -26.77 2.43 12.43
C GLY B 174 -26.07 3.68 11.90
N ARG B 175 -25.34 3.50 10.81
CA ARG B 175 -24.60 4.61 10.28
C ARG B 175 -25.08 4.77 8.87
N ARG B 176 -25.25 6.01 8.42
CA ARG B 176 -25.76 6.17 7.09
C ARG B 176 -24.69 5.87 6.05
N PRO B 177 -25.07 5.13 4.97
CA PRO B 177 -24.07 4.80 3.95
C PRO B 177 -23.81 6.01 3.03
N ASP B 178 -23.28 7.10 3.60
CA ASP B 178 -22.99 8.28 2.80
C ASP B 178 -21.54 8.25 2.31
N ASP B 179 -21.13 9.34 1.66
CA ASP B 179 -19.79 9.46 1.08
C ASP B 179 -18.69 9.45 2.10
N ASP B 180 -18.96 10.03 3.27
CA ASP B 180 -18.01 10.09 4.39
C ASP B 180 -17.71 8.69 4.94
N LEU B 181 -18.76 7.94 5.22
CA LEU B 181 -18.64 6.55 5.63
C LEU B 181 -17.93 5.70 4.57
N ARG B 182 -18.31 5.85 3.30
CA ARG B 182 -17.59 5.18 2.22
C ARG B 182 -16.08 5.49 2.24
N ARG B 183 -15.72 6.76 2.37
CA ARG B 183 -14.33 7.16 2.44
C ARG B 183 -13.63 6.60 3.68
N VAL B 184 -14.27 6.64 4.83
CA VAL B 184 -13.67 6.08 6.04
C VAL B 184 -13.35 4.60 5.80
N PHE B 185 -14.31 3.84 5.27
CA PHE B 185 -14.13 2.40 5.01
C PHE B 185 -13.07 2.10 3.99
N LEU B 186 -12.96 2.96 2.99
CA LEU B 186 -11.98 2.81 1.92
C LEU B 186 -10.58 2.98 2.51
N VAL B 187 -10.44 3.96 3.40
CA VAL B 187 -9.13 4.25 4.04
C VAL B 187 -8.75 3.12 4.97
N ALA B 188 -9.76 2.59 5.64
CA ALA B 188 -9.57 1.52 6.63
C ALA B 188 -9.14 0.20 5.99
N VAL B 189 -9.77 -0.09 4.84
CA VAL B 189 -9.48 -1.30 4.05
C VAL B 189 -8.06 -1.22 3.48
N GLU B 190 -7.74 -0.07 2.90
CA GLU B 190 -6.44 0.09 2.26
C GLU B 190 -5.33 -0.01 3.30
N THR B 191 -5.51 0.66 4.43
CA THR B 191 -4.64 0.55 5.55
C THR B 191 -4.48 -0.91 6.02
N ALA B 192 -5.60 -1.57 6.24
CA ALA B 192 -5.56 -2.91 6.78
C ALA B 192 -4.86 -3.83 5.80
N ASP B 193 -5.13 -3.65 4.52
CA ASP B 193 -4.52 -4.48 3.50
C ASP B 193 -2.99 -4.37 3.54
N THR B 194 -2.46 -3.14 3.47
CA THR B 194 -1.03 -2.92 3.57
C THR B 194 -0.45 -3.45 4.86
N LEU B 195 -1.15 -3.25 5.98
CA LEU B 195 -0.59 -3.67 7.27
C LEU B 195 -0.56 -5.19 7.45
N VAL B 196 -1.55 -5.85 6.86
CA VAL B 196 -1.58 -7.30 6.88
C VAL B 196 -0.52 -7.86 5.89
N GLN B 197 -0.40 -7.27 4.70
CA GLN B 197 0.71 -7.66 3.84
C GLN B 197 2.04 -7.54 4.58
N LEU B 198 2.30 -6.37 5.17
CA LEU B 198 3.48 -6.15 6.02
C LEU B 198 3.67 -7.28 7.09
N ALA B 199 2.61 -7.59 7.87
CA ALA B 199 2.67 -8.63 8.90
C ALA B 199 3.08 -10.03 8.37
N PHE B 200 2.61 -10.41 7.19
CA PHE B 200 2.99 -11.69 6.57
C PHE B 200 4.32 -11.64 5.84
N ARG B 201 4.85 -10.45 5.63
CA ARG B 201 6.19 -10.32 5.12
C ARG B 201 7.19 -10.53 6.24
N VAL B 202 6.84 -10.08 7.46
CA VAL B 202 7.79 -10.24 8.56
C VAL B 202 7.82 -11.62 9.22
N ALA B 203 6.68 -12.31 9.24
CA ALA B 203 6.60 -13.72 9.64
C ALA B 203 5.53 -14.45 8.81
N PRO B 204 5.79 -15.71 8.42
CA PRO B 204 4.85 -16.41 7.50
C PRO B 204 3.47 -16.73 8.10
N ASP B 205 3.34 -16.66 9.42
CA ASP B 205 2.02 -16.81 10.02
C ASP B 205 1.35 -15.46 10.29
N GLY B 206 1.98 -14.36 9.86
CA GLY B 206 1.47 -13.02 10.15
C GLY B 206 1.99 -12.52 11.48
N ASP B 207 2.93 -11.59 11.44
CA ASP B 207 3.55 -11.05 12.67
C ASP B 207 2.52 -10.45 13.63
N GLU B 208 2.45 -11.01 14.84
CA GLU B 208 1.39 -10.66 15.80
C GLU B 208 1.52 -9.22 16.33
N LYS B 209 2.75 -8.76 16.51
CA LYS B 209 2.95 -7.37 16.94
C LYS B 209 2.55 -6.34 15.86
N ILE B 210 2.80 -6.65 14.60
CA ILE B 210 2.27 -5.85 13.49
C ILE B 210 0.74 -5.90 13.43
N ILE B 211 0.16 -7.10 13.57
CA ILE B 211 -1.29 -7.30 13.56
C ILE B 211 -1.94 -6.43 14.64
N GLU B 212 -1.35 -6.46 15.85
CA GLU B 212 -1.84 -5.69 17.02
C GLU B 212 -1.76 -4.17 16.87
N GLU B 213 -0.62 -3.66 16.34
CA GLU B 213 -0.50 -2.24 15.90
C GLU B 213 -1.55 -1.81 14.89
N ALA B 214 -1.85 -2.69 13.94
CA ALA B 214 -2.86 -2.41 12.94
C ALA B 214 -4.21 -2.30 13.62
N ARG B 215 -4.49 -3.24 14.52
CA ARG B 215 -5.73 -3.22 15.32
C ARG B 215 -5.84 -1.95 16.20
N GLU B 216 -4.77 -1.61 16.92
CA GLU B 216 -4.72 -0.32 17.63
C GLU B 216 -4.92 0.88 16.68
N LEU B 217 -4.22 0.87 15.55
CA LEU B 217 -4.31 1.95 14.64
C LEU B 217 -5.78 2.09 14.13
N LEU B 218 -6.43 0.97 13.79
CA LEU B 218 -7.79 1.05 13.23
C LEU B 218 -8.82 1.46 14.30
N ARG B 219 -8.64 0.95 15.52
CA ARG B 219 -9.47 1.38 16.64
C ARG B 219 -9.28 2.88 16.91
N ALA B 220 -8.03 3.36 16.86
CA ALA B 220 -7.77 4.79 17.04
C ALA B 220 -8.46 5.66 15.98
N TYR B 221 -8.33 5.25 14.73
CA TYR B 221 -9.01 5.93 13.64
C TYR B 221 -10.53 5.89 13.73
N LEU B 222 -11.10 4.70 13.77
CA LEU B 222 -12.56 4.55 13.83
C LEU B 222 -13.21 5.20 15.04
N GLY B 223 -12.62 5.05 16.23
CA GLY B 223 -13.14 5.72 17.42
C GLY B 223 -13.17 7.25 17.32
N ARG B 224 -12.20 7.84 16.65
CA ARG B 224 -12.19 9.28 16.40
C ARG B 224 -13.27 9.66 15.37
N VAL B 225 -13.39 8.83 14.35
CA VAL B 225 -14.09 9.21 13.13
C VAL B 225 -15.58 8.78 13.11
N LEU B 226 -15.91 7.78 13.91
CA LEU B 226 -17.29 7.30 13.96
C LEU B 226 -18.15 8.16 14.90
#